data_3E29
#
_entry.id   3E29
#
_cell.length_a   112.523
_cell.length_b   112.523
_cell.length_c   119.660
_cell.angle_alpha   90.00
_cell.angle_beta   90.00
_cell.angle_gamma   120.00
#
_symmetry.space_group_name_H-M   'P 61'
#
loop_
_entity.id
_entity.type
_entity.pdbx_description
1 polymer 'uncharacterized protein Q7WE92_BORBR'
2 water water
#
_entity_poly.entity_id   1
_entity_poly.type   'polypeptide(L)'
_entity_poly.pdbx_seq_one_letter_code
;(MSE)SSTALE(MSE)ASRFVNRSPFNRWLG(MSE)SVLEAGEQGIVLGIKWREELISSPEIRSTHGGILATLVDAAGDY
AVALKTGHPVPT(MSE)D(MSE)HVDYHRVATPGDLRAEGQVIHFGKRFATAHARVLD(MSE)DGNLVASGRALYLIRAP
LEHHHHHH
;
_entity_poly.pdbx_strand_id   A,B,C,D
#
# COMPACT_ATOMS: atom_id res chain seq x y z
N MSE A 1 23.85 17.00 1.34
CA MSE A 1 24.35 18.02 2.31
C MSE A 1 25.73 17.62 2.89
O MSE A 1 26.77 18.00 2.32
CB MSE A 1 23.28 18.28 3.40
CG MSE A 1 23.67 19.23 4.53
SE MSE A 1 24.74 20.75 3.93
CE MSE A 1 25.01 21.69 5.63
N SER A 2 25.73 16.85 3.97
CA SER A 2 26.91 16.65 4.82
C SER A 2 27.95 15.70 4.24
N SER A 3 29.22 15.93 4.57
CA SER A 3 30.29 14.98 4.21
C SER A 3 30.32 13.77 5.16
N THR A 4 29.96 13.98 6.42
CA THR A 4 29.83 12.87 7.37
C THR A 4 28.61 12.02 7.04
N ALA A 5 27.55 12.66 6.55
CA ALA A 5 26.36 11.95 6.12
C ALA A 5 26.69 11.15 4.86
N LEU A 6 27.43 11.78 3.97
CA LEU A 6 27.85 11.16 2.72
C LEU A 6 28.75 9.94 2.98
N GLU A 7 29.70 10.05 3.90
CA GLU A 7 30.60 8.94 4.25
C GLU A 7 29.89 7.78 4.95
N MSE A 8 28.95 8.13 5.83
CA MSE A 8 28.16 7.18 6.56
C MSE A 8 27.27 6.34 5.64
O MSE A 8 27.36 5.11 5.62
CB MSE A 8 27.29 7.93 7.57
CG MSE A 8 26.87 7.16 8.79
SE MSE A 8 25.45 8.10 9.73
CE MSE A 8 26.48 9.56 10.56
N ALA A 9 26.44 7.01 4.84
CA ALA A 9 25.51 6.34 3.95
C ALA A 9 26.24 5.50 2.93
N SER A 10 27.40 6.01 2.49
CA SER A 10 28.19 5.33 1.51
C SER A 10 28.70 3.99 2.02
N ARG A 11 29.06 3.96 3.31
CA ARG A 11 29.45 2.73 4.00
C ARG A 11 28.28 1.74 4.07
N PHE A 12 27.11 2.25 4.41
CA PHE A 12 25.90 1.44 4.50
C PHE A 12 25.57 0.80 3.15
N VAL A 13 25.69 1.59 2.09
CA VAL A 13 25.33 1.13 0.76
C VAL A 13 26.24 -0.02 0.34
N ASN A 14 27.54 0.14 0.55
CA ASN A 14 28.54 -0.85 0.13
C ASN A 14 28.58 -2.15 0.92
N ARG A 15 27.86 -2.22 2.03
CA ARG A 15 27.78 -3.46 2.80
C ARG A 15 26.95 -4.56 2.10
N SER A 16 26.09 -4.17 1.17
CA SER A 16 25.16 -5.11 0.56
C SER A 16 25.67 -5.63 -0.78
N PRO A 17 25.81 -6.96 -0.92
CA PRO A 17 26.13 -7.54 -2.22
C PRO A 17 25.16 -7.15 -3.34
N PHE A 18 23.87 -7.11 -3.02
CA PHE A 18 22.88 -6.68 -4.00
C PHE A 18 23.04 -5.22 -4.43
N ASN A 19 23.25 -4.32 -3.47
CA ASN A 19 23.61 -2.94 -3.79
C ASN A 19 24.83 -2.86 -4.70
N ARG A 20 25.88 -3.61 -4.38
CA ARG A 20 27.12 -3.56 -5.16
C ARG A 20 26.92 -4.10 -6.57
N TRP A 21 26.19 -5.22 -6.69
CA TRP A 21 25.76 -5.77 -7.98
C TRP A 21 25.02 -4.73 -8.84
N LEU A 22 24.16 -3.95 -8.17
CA LEU A 22 23.42 -2.84 -8.82
C LEU A 22 24.29 -1.62 -9.11
N GLY A 23 25.52 -1.65 -8.62
CA GLY A 23 26.44 -0.51 -8.77
C GLY A 23 25.94 0.71 -8.03
N MSE A 24 25.19 0.49 -6.95
CA MSE A 24 24.63 1.58 -6.14
C MSE A 24 25.68 2.51 -5.54
O MSE A 24 26.72 2.05 -5.06
CB MSE A 24 23.74 1.02 -5.03
CG MSE A 24 22.85 2.08 -4.40
SE MSE A 24 21.69 1.32 -3.03
CE MSE A 24 20.39 0.36 -4.15
N SER A 25 25.40 3.80 -5.57
CA SER A 25 26.24 4.83 -4.95
C SER A 25 25.40 5.91 -4.30
N VAL A 26 26.01 6.72 -3.44
CA VAL A 26 25.34 7.84 -2.78
C VAL A 26 25.71 9.13 -3.49
N LEU A 27 24.72 9.80 -4.06
CA LEU A 27 24.97 11.04 -4.79
C LEU A 27 24.94 12.24 -3.84
N GLU A 28 23.94 12.25 -2.97
CA GLU A 28 23.73 13.33 -2.01
C GLU A 28 23.23 12.74 -0.69
N ALA A 29 23.73 13.29 0.41
CA ALA A 29 23.29 12.88 1.75
C ALA A 29 23.40 14.06 2.69
N GLY A 30 22.31 14.32 3.41
CA GLY A 30 22.28 15.42 4.37
C GLY A 30 20.95 15.51 5.08
N GLU A 31 20.67 16.69 5.61
CA GLU A 31 19.46 16.97 6.38
C GLU A 31 18.14 16.81 5.61
N GLN A 32 18.11 17.26 4.36
CA GLN A 32 16.91 17.10 3.51
C GLN A 32 16.56 15.63 3.27
N GLY A 33 17.58 14.80 3.07
CA GLY A 33 17.41 13.38 2.82
C GLY A 33 18.56 12.80 2.02
N ILE A 34 18.26 11.79 1.20
CA ILE A 34 19.27 11.07 0.44
C ILE A 34 18.98 10.96 -1.06
N VAL A 35 20.04 10.86 -1.85
CA VAL A 35 19.94 10.58 -3.28
C VAL A 35 20.90 9.43 -3.63
N LEU A 36 20.34 8.41 -4.27
CA LEU A 36 21.10 7.23 -4.65
C LEU A 36 21.14 7.11 -6.16
N GLY A 37 22.15 6.40 -6.66
CA GLY A 37 22.25 6.09 -8.07
C GLY A 37 22.51 4.61 -8.24
N ILE A 38 21.99 4.01 -9.31
CA ILE A 38 22.42 2.68 -9.69
C ILE A 38 22.92 2.68 -11.15
N LYS A 39 23.72 1.67 -11.47
CA LYS A 39 24.27 1.50 -12.81
C LYS A 39 23.45 0.43 -13.52
N TRP A 40 22.98 0.77 -14.72
CA TRP A 40 22.15 -0.14 -15.50
C TRP A 40 22.97 -1.32 -15.97
N ARG A 41 22.31 -2.48 -16.11
CA ARG A 41 22.91 -3.65 -16.75
C ARG A 41 21.82 -4.47 -17.45
N GLU A 42 22.17 -5.22 -18.49
CA GLU A 42 21.20 -6.06 -19.25
C GLU A 42 20.34 -6.97 -18.36
N GLU A 43 20.91 -7.46 -17.26
CA GLU A 43 20.22 -8.40 -16.36
C GLU A 43 19.02 -7.77 -15.67
N LEU A 44 18.92 -6.43 -15.72
CA LEU A 44 17.83 -5.70 -15.06
C LEU A 44 16.52 -5.76 -15.84
N ILE A 45 16.61 -6.18 -17.10
CA ILE A 45 15.48 -6.19 -18.02
C ILE A 45 14.31 -7.13 -17.67
N SER A 46 13.12 -6.57 -17.75
CA SER A 46 11.87 -7.29 -17.69
C SER A 46 11.47 -7.71 -19.10
N SER A 47 10.89 -6.79 -19.86
CA SER A 47 10.43 -7.05 -21.22
C SER A 47 11.53 -6.77 -22.25
N PRO A 48 11.95 -7.81 -22.99
CA PRO A 48 12.96 -7.60 -24.04
C PRO A 48 12.42 -6.84 -25.28
N GLU A 49 11.10 -6.76 -25.43
CA GLU A 49 10.45 -5.94 -26.47
C GLU A 49 10.83 -4.47 -26.32
N ILE A 50 10.53 -3.91 -25.15
CA ILE A 50 10.78 -2.50 -24.86
C ILE A 50 12.07 -2.23 -24.06
N ARG A 51 12.76 -3.30 -23.68
CA ARG A 51 13.84 -3.28 -22.82
CA ARG A 51 13.98 -3.22 -22.87
C ARG A 51 13.71 -2.43 -21.57
N SER A 52 12.63 -2.80 -20.89
CA SER A 52 12.21 -2.12 -19.69
C SER A 52 12.93 -2.66 -18.45
N THR A 53 13.26 -1.76 -17.53
CA THR A 53 13.82 -2.18 -16.24
C THR A 53 12.72 -2.77 -15.34
N HIS A 54 13.02 -3.94 -14.77
CA HIS A 54 12.06 -4.68 -14.00
C HIS A 54 11.56 -3.85 -12.82
N GLY A 55 10.27 -4.01 -12.51
CA GLY A 55 9.61 -3.22 -11.48
C GLY A 55 10.19 -3.52 -10.12
N GLY A 56 10.66 -4.76 -9.96
CA GLY A 56 11.36 -5.21 -8.75
C GLY A 56 12.61 -4.40 -8.45
N ILE A 57 13.28 -3.92 -9.50
CA ILE A 57 14.42 -3.01 -9.36
C ILE A 57 13.97 -1.62 -8.88
N LEU A 58 12.86 -1.13 -9.44
CA LEU A 58 12.28 0.14 -9.00
C LEU A 58 11.84 0.11 -7.54
N ALA A 59 11.22 -1.01 -7.12
CA ALA A 59 10.85 -1.23 -5.72
C ALA A 59 12.11 -1.30 -4.81
N THR A 60 13.14 -2.03 -5.25
CA THR A 60 14.41 -2.07 -4.53
C THR A 60 14.93 -0.64 -4.26
N LEU A 61 14.74 0.25 -5.24
CA LEU A 61 15.19 1.64 -5.15
C LEU A 61 14.36 2.46 -4.18
N VAL A 62 13.07 2.18 -4.11
CA VAL A 62 12.19 2.85 -3.18
C VAL A 62 12.55 2.47 -1.73
N ASP A 63 12.77 1.17 -1.52
CA ASP A 63 13.14 0.64 -0.20
C ASP A 63 14.51 1.10 0.28
N ALA A 64 15.50 1.03 -0.60
CA ALA A 64 16.85 1.54 -0.32
C ALA A 64 16.84 3.04 0.07
N ALA A 65 16.21 3.87 -0.76
CA ALA A 65 16.21 5.32 -0.53
C ALA A 65 15.62 5.65 0.83
N GLY A 66 14.46 5.03 1.14
CA GLY A 66 13.78 5.24 2.42
C GLY A 66 14.62 4.76 3.59
N ASP A 67 15.21 3.58 3.45
CA ASP A 67 16.08 2.97 4.45
C ASP A 67 17.27 3.85 4.82
N TYR A 68 18.03 4.26 3.81
CA TYR A 68 19.20 5.11 4.03
C TYR A 68 18.86 6.54 4.46
N ALA A 69 17.68 7.05 4.07
CA ALA A 69 17.21 8.34 4.58
C ALA A 69 16.87 8.25 6.07
N VAL A 70 16.26 7.12 6.49
CA VAL A 70 16.09 6.83 7.91
C VAL A 70 17.45 6.64 8.61
N ALA A 71 18.34 5.88 7.97
CA ALA A 71 19.67 5.58 8.52
C ALA A 71 20.52 6.82 8.80
N LEU A 72 20.38 7.87 7.99
CA LEU A 72 21.07 9.14 8.26
C LEU A 72 20.66 9.74 9.61
N LYS A 73 19.50 9.34 10.10
CA LYS A 73 18.97 9.88 11.37
C LYS A 73 19.20 8.96 12.58
N THR A 74 19.18 7.65 12.34
CA THR A 74 19.37 6.67 13.41
C THR A 74 20.85 6.36 13.61
N GLY A 75 21.61 6.44 12.51
CA GLY A 75 23.05 6.14 12.53
C GLY A 75 23.30 4.71 12.08
N HIS A 76 22.24 3.99 11.76
CA HIS A 76 22.31 2.60 11.31
C HIS A 76 21.18 2.28 10.32
N PRO A 77 21.44 1.35 9.37
CA PRO A 77 20.38 0.85 8.50
C PRO A 77 19.24 0.17 9.27
N VAL A 78 18.04 0.20 8.66
CA VAL A 78 16.81 -0.22 9.34
C VAL A 78 16.02 -1.28 8.54
N PRO A 79 15.38 -2.24 9.25
CA PRO A 79 14.54 -3.23 8.58
C PRO A 79 13.23 -2.62 8.09
N THR A 80 12.78 -3.04 6.92
CA THR A 80 11.51 -2.60 6.34
C THR A 80 10.36 -3.46 6.86
N MSE A 81 9.26 -2.81 7.22
CA MSE A 81 8.03 -3.46 7.67
C MSE A 81 7.12 -3.78 6.49
O MSE A 81 6.65 -4.90 6.33
CB MSE A 81 7.27 -2.54 8.62
CG MSE A 81 8.11 -2.00 9.74
SE MSE A 81 7.83 -3.05 11.33
CE MSE A 81 8.65 -4.74 10.82
N ASP A 82 6.85 -2.75 5.70
CA ASP A 82 6.12 -2.88 4.45
C ASP A 82 6.44 -1.72 3.50
N MSE A 83 6.08 -1.90 2.25
CA MSE A 83 6.26 -0.83 1.31
C MSE A 83 5.21 -0.82 0.22
O MSE A 83 4.67 -1.86 -0.14
CB MSE A 83 7.70 -0.77 0.76
CG MSE A 83 8.15 -1.83 -0.19
SE MSE A 83 9.48 -0.94 -1.36
CE MSE A 83 8.11 -0.25 -2.58
N HIS A 84 4.92 0.39 -0.26
CA HIS A 84 4.10 0.57 -1.44
C HIS A 84 4.94 1.22 -2.52
N VAL A 85 4.76 0.76 -3.75
CA VAL A 85 5.38 1.43 -4.89
C VAL A 85 4.32 1.70 -5.97
N ASP A 86 4.33 2.92 -6.50
CA ASP A 86 3.53 3.31 -7.64
C ASP A 86 4.40 3.39 -8.91
N TYR A 87 3.94 2.80 -10.01
CA TYR A 87 4.67 2.84 -11.29
C TYR A 87 4.04 3.81 -12.28
N HIS A 88 4.79 4.84 -12.66
CA HIS A 88 4.27 5.91 -13.51
C HIS A 88 4.71 5.82 -14.96
N ARG A 89 5.96 5.45 -15.19
CA ARG A 89 6.52 5.41 -16.52
C ARG A 89 7.42 4.20 -16.62
N VAL A 90 7.57 3.68 -17.83
CA VAL A 90 8.53 2.65 -18.13
C VAL A 90 9.92 3.23 -17.92
N ALA A 91 10.75 2.51 -17.17
CA ALA A 91 12.15 2.86 -17.06
C ALA A 91 12.89 2.10 -18.16
N THR A 92 13.17 2.81 -19.26
CA THR A 92 13.92 2.26 -20.38
C THR A 92 15.41 2.18 -20.01
N PRO A 93 16.23 1.49 -20.83
CA PRO A 93 17.62 1.28 -20.40
C PRO A 93 18.33 2.62 -20.14
N GLY A 94 19.05 2.66 -19.02
CA GLY A 94 19.60 3.89 -18.48
C GLY A 94 19.76 3.78 -16.98
N ASP A 95 20.68 4.58 -16.43
CA ASP A 95 20.89 4.68 -14.99
C ASP A 95 19.67 5.34 -14.34
N LEU A 96 19.41 4.99 -13.09
CA LEU A 96 18.31 5.53 -12.33
C LEU A 96 18.81 6.20 -11.06
N ARG A 97 18.07 7.21 -10.60
CA ARG A 97 18.33 7.93 -9.36
C ARG A 97 17.13 7.80 -8.41
N ALA A 98 17.38 7.59 -7.12
CA ALA A 98 16.30 7.56 -6.11
C ALA A 98 16.50 8.58 -4.98
N GLU A 99 15.55 9.48 -4.83
CA GLU A 99 15.53 10.47 -3.75
C GLU A 99 14.68 9.93 -2.58
N GLY A 100 15.30 9.81 -1.41
CA GLY A 100 14.60 9.37 -0.20
C GLY A 100 14.47 10.48 0.83
N GLN A 101 13.39 10.43 1.61
CA GLN A 101 13.10 11.45 2.62
C GLN A 101 12.24 10.92 3.78
N VAL A 102 12.65 11.23 5.01
CA VAL A 102 11.89 10.85 6.20
C VAL A 102 10.67 11.74 6.40
N ILE A 103 9.52 11.09 6.56
CA ILE A 103 8.22 11.75 6.62
C ILE A 103 7.80 11.89 8.06
N HIS A 104 7.88 10.78 8.79
CA HIS A 104 7.62 10.76 10.22
C HIS A 104 8.69 9.93 10.90
N PHE A 105 9.19 10.43 12.03
CA PHE A 105 10.28 9.80 12.75
C PHE A 105 9.87 9.71 14.22
N GLY A 106 9.49 8.51 14.64
CA GLY A 106 9.09 8.27 16.03
C GLY A 106 10.23 7.63 16.77
N LYS A 107 9.98 7.20 18.00
CA LYS A 107 11.04 6.61 18.82
C LYS A 107 11.24 5.16 18.40
N ARG A 108 10.20 4.60 17.79
CA ARG A 108 10.16 3.16 17.49
CA ARG A 108 10.13 3.16 17.51
C ARG A 108 9.94 2.86 16.01
N PHE A 109 9.19 3.72 15.32
CA PHE A 109 8.93 3.57 13.88
C PHE A 109 9.32 4.83 13.08
N ALA A 110 9.68 4.62 11.82
CA ALA A 110 9.85 5.73 10.87
C ALA A 110 9.21 5.44 9.51
N THR A 111 8.63 6.47 8.92
CA THR A 111 8.08 6.41 7.57
C THR A 111 8.91 7.26 6.64
N ALA A 112 9.19 6.74 5.45
CA ALA A 112 9.93 7.50 4.46
C ALA A 112 9.22 7.47 3.11
N HIS A 113 9.50 8.47 2.27
CA HIS A 113 9.00 8.52 0.88
C HIS A 113 10.14 8.52 -0.13
N ALA A 114 9.89 7.97 -1.31
CA ALA A 114 10.89 7.94 -2.37
C ALA A 114 10.36 8.33 -3.76
N ARG A 115 11.28 8.76 -4.61
CA ARG A 115 11.02 9.09 -6.00
C ARG A 115 12.16 8.50 -6.82
N VAL A 116 11.82 7.74 -7.85
CA VAL A 116 12.83 7.16 -8.73
C VAL A 116 12.82 7.93 -10.05
N LEU A 117 13.99 8.41 -10.46
CA LEU A 117 14.07 9.26 -11.64
C LEU A 117 14.99 8.65 -12.71
N ASP A 118 14.69 8.94 -13.96
CA ASP A 118 15.59 8.52 -15.01
C ASP A 118 16.62 9.62 -15.26
N MSE A 119 17.56 9.37 -16.18
CA MSE A 119 18.66 10.30 -16.39
C MSE A 119 18.21 11.65 -16.91
O MSE A 119 18.95 12.63 -16.84
CB MSE A 119 19.75 9.69 -17.27
CG MSE A 119 20.74 8.79 -16.49
SE MSE A 119 21.21 9.38 -14.66
CE MSE A 119 21.79 11.24 -15.00
N ASP A 120 16.97 11.72 -17.39
CA ASP A 120 16.41 12.96 -17.87
C ASP A 120 15.58 13.69 -16.83
N GLY A 121 15.44 13.10 -15.65
CA GLY A 121 14.73 13.72 -14.54
C GLY A 121 13.24 13.48 -14.57
N ASN A 122 12.80 12.50 -15.36
CA ASN A 122 11.41 12.10 -15.36
C ASN A 122 11.19 11.08 -14.28
N LEU A 123 10.10 11.26 -13.56
CA LEU A 123 9.69 10.39 -12.48
C LEU A 123 9.13 9.08 -13.04
N VAL A 124 9.80 7.97 -12.77
CA VAL A 124 9.32 6.67 -13.25
C VAL A 124 8.50 5.90 -12.22
N ALA A 125 8.81 6.12 -10.94
CA ALA A 125 8.09 5.48 -9.85
C ALA A 125 8.25 6.33 -8.59
N SER A 126 7.39 6.06 -7.62
CA SER A 126 7.46 6.70 -6.31
C SER A 126 6.95 5.69 -5.30
N GLY A 127 7.12 5.95 -4.02
CA GLY A 127 6.63 5.02 -3.03
C GLY A 127 6.93 5.45 -1.63
N ARG A 128 6.40 4.68 -0.68
CA ARG A 128 6.66 4.89 0.73
C ARG A 128 6.88 3.57 1.44
N ALA A 129 7.44 3.66 2.64
CA ALA A 129 7.77 2.46 3.37
C ALA A 129 7.83 2.78 4.84
N LEU A 130 7.42 1.80 5.65
CA LEU A 130 7.53 1.86 7.09
C LEU A 130 8.77 1.07 7.55
N TYR A 131 9.53 1.68 8.46
CA TYR A 131 10.74 1.08 9.03
C TYR A 131 10.65 0.97 10.55
N LEU A 132 11.32 -0.06 11.07
CA LEU A 132 11.41 -0.29 12.51
C LEU A 132 12.74 0.22 13.07
N ILE A 133 12.66 0.99 14.14
CA ILE A 133 13.86 1.42 14.87
C ILE A 133 13.99 0.63 16.17
N ARG A 134 15.04 -0.17 16.28
CA ARG A 134 15.30 -0.94 17.50
C ARG A 134 16.76 -0.83 17.95
N MSE B 1 -4.34 -28.25 -20.04
CA MSE B 1 -4.94 -28.04 -18.67
C MSE B 1 -3.98 -27.28 -17.73
O MSE B 1 -3.67 -26.10 -17.97
CB MSE B 1 -5.42 -29.39 -18.07
CG MSE B 1 -4.74 -30.67 -18.62
SE MSE B 1 -2.99 -31.14 -17.83
CE MSE B 1 -3.56 -31.34 -15.96
N SER B 2 -3.53 -27.93 -16.67
CA SER B 2 -2.38 -27.49 -15.92
C SER B 2 -1.18 -28.14 -16.61
N SER B 3 -1.04 -27.82 -17.89
CA SER B 3 0.06 -28.27 -18.73
C SER B 3 0.26 -27.23 -19.80
N THR B 4 -0.85 -26.83 -20.44
CA THR B 4 -0.85 -25.66 -21.32
C THR B 4 -0.54 -24.43 -20.47
N ALA B 5 -1.10 -24.39 -19.26
CA ALA B 5 -0.86 -23.29 -18.33
C ALA B 5 0.61 -23.25 -17.90
N LEU B 6 1.17 -24.41 -17.55
CA LEU B 6 2.57 -24.50 -17.14
C LEU B 6 3.52 -24.03 -18.22
N GLU B 7 3.28 -24.49 -19.44
CA GLU B 7 4.16 -24.20 -20.55
C GLU B 7 4.06 -22.74 -20.99
N MSE B 8 2.84 -22.22 -20.94
CA MSE B 8 2.58 -20.81 -21.20
C MSE B 8 3.28 -19.91 -20.18
O MSE B 8 3.94 -18.94 -20.56
CB MSE B 8 1.09 -20.57 -21.15
CG MSE B 8 0.67 -19.27 -21.74
SE MSE B 8 -1.19 -18.92 -21.34
CE MSE B 8 -2.00 -20.48 -22.22
N ALA B 9 3.13 -20.22 -18.89
CA ALA B 9 3.77 -19.44 -17.84
C ALA B 9 5.29 -19.54 -17.91
N SER B 10 5.79 -20.73 -18.25
CA SER B 10 7.22 -20.97 -18.38
C SER B 10 7.81 -20.06 -19.45
N ARG B 11 7.12 -19.99 -20.59
CA ARG B 11 7.51 -19.11 -21.70
C ARG B 11 7.58 -17.64 -21.27
N PHE B 12 6.61 -17.21 -20.49
CA PHE B 12 6.57 -15.84 -19.97
C PHE B 12 7.74 -15.57 -19.05
N VAL B 13 8.00 -16.52 -18.15
CA VAL B 13 9.00 -16.39 -17.12
C VAL B 13 10.40 -16.28 -17.72
N ASN B 14 10.70 -17.14 -18.70
CA ASN B 14 12.02 -17.21 -19.30
C ASN B 14 12.33 -16.08 -20.29
N ARG B 15 11.30 -15.30 -20.59
CA ARG B 15 11.43 -14.15 -21.48
C ARG B 15 12.22 -12.99 -20.84
N SER B 16 12.37 -13.03 -19.51
CA SER B 16 12.98 -11.94 -18.79
C SER B 16 14.41 -12.27 -18.34
N PRO B 17 15.38 -11.42 -18.72
CA PRO B 17 16.75 -11.62 -18.24
C PRO B 17 16.88 -11.55 -16.71
N PHE B 18 16.10 -10.69 -16.05
CA PHE B 18 16.10 -10.65 -14.58
C PHE B 18 15.55 -11.94 -13.95
N ASN B 19 14.41 -12.41 -14.43
CA ASN B 19 13.92 -13.75 -14.05
C ASN B 19 14.96 -14.85 -14.23
N ARG B 20 15.65 -14.86 -15.37
CA ARG B 20 16.68 -15.88 -15.66
C ARG B 20 17.86 -15.78 -14.69
N TRP B 21 18.32 -14.56 -14.42
CA TRP B 21 19.35 -14.30 -13.42
C TRP B 21 18.94 -14.81 -12.03
N LEU B 22 17.65 -14.64 -11.71
CA LEU B 22 17.07 -15.17 -10.46
C LEU B 22 16.85 -16.68 -10.49
N GLY B 23 17.07 -17.27 -11.65
CA GLY B 23 16.82 -18.70 -11.84
C GLY B 23 15.36 -19.04 -11.66
N MSE B 24 14.49 -18.08 -11.94
CA MSE B 24 13.03 -18.28 -11.80
C MSE B 24 12.50 -19.45 -12.62
O MSE B 24 12.90 -19.63 -13.77
CB MSE B 24 12.27 -17.01 -12.18
CG MSE B 24 10.83 -17.04 -11.75
SE MSE B 24 9.91 -15.35 -12.10
CE MSE B 24 10.74 -14.23 -10.70
N SER B 25 11.61 -20.23 -12.02
CA SER B 25 10.93 -21.32 -12.71
C SER B 25 9.46 -21.34 -12.31
N VAL B 26 8.64 -22.05 -13.08
CA VAL B 26 7.23 -22.23 -12.75
C VAL B 26 7.04 -23.62 -12.14
N LEU B 27 6.52 -23.66 -10.93
CA LEU B 27 6.33 -24.91 -10.20
C LEU B 27 4.93 -25.48 -10.36
N GLU B 28 3.92 -24.61 -10.36
CA GLU B 28 2.52 -24.97 -10.53
C GLU B 28 1.81 -23.86 -11.30
N ALA B 29 0.87 -24.25 -12.14
CA ALA B 29 0.07 -23.31 -12.91
C ALA B 29 -1.26 -23.96 -13.26
N GLY B 30 -2.34 -23.29 -12.93
CA GLY B 30 -3.66 -23.82 -13.21
C GLY B 30 -4.71 -22.81 -12.83
N GLU B 31 -5.94 -23.29 -12.67
CA GLU B 31 -7.10 -22.47 -12.34
C GLU B 31 -7.01 -21.68 -11.03
N GLN B 32 -6.47 -22.30 -9.97
CA GLN B 32 -6.28 -21.60 -8.69
C GLN B 32 -5.21 -20.51 -8.74
N GLY B 33 -4.22 -20.67 -9.61
CA GLY B 33 -3.20 -19.64 -9.80
C GLY B 33 -1.81 -20.17 -10.13
N ILE B 34 -0.79 -19.51 -9.60
CA ILE B 34 0.58 -19.84 -9.95
C ILE B 34 1.53 -20.03 -8.76
N VAL B 35 2.53 -20.88 -8.94
CA VAL B 35 3.59 -21.05 -7.97
C VAL B 35 4.91 -20.93 -8.73
N LEU B 36 5.73 -19.99 -8.27
CA LEU B 36 7.03 -19.71 -8.85
C LEU B 36 8.12 -20.08 -7.87
N GLY B 37 9.29 -20.41 -8.40
CA GLY B 37 10.49 -20.62 -7.60
C GLY B 37 11.64 -19.77 -8.11
N ILE B 38 12.51 -19.33 -7.22
CA ILE B 38 13.79 -18.76 -7.65
C ILE B 38 14.97 -19.51 -7.01
N LYS B 39 16.15 -19.38 -7.61
CA LYS B 39 17.37 -19.99 -7.11
C LYS B 39 18.16 -18.91 -6.35
N TRP B 40 18.66 -19.27 -5.16
CA TRP B 40 19.39 -18.33 -4.30
C TRP B 40 20.78 -18.08 -4.86
N ARG B 41 21.31 -16.88 -4.65
CA ARG B 41 22.71 -16.57 -4.95
C ARG B 41 23.24 -15.49 -4.00
N GLU B 42 24.55 -15.47 -3.76
CA GLU B 42 25.21 -14.49 -2.84
C GLU B 42 24.84 -13.03 -3.16
N GLU B 43 24.64 -12.73 -4.43
CA GLU B 43 24.33 -11.36 -4.86
C GLU B 43 23.00 -10.89 -4.31
N LEU B 44 22.13 -11.82 -3.91
CA LEU B 44 20.80 -11.52 -3.37
C LEU B 44 20.81 -10.84 -2.00
N ILE B 45 21.95 -10.90 -1.33
CA ILE B 45 22.08 -10.50 0.07
C ILE B 45 21.97 -8.99 0.34
N SER B 46 21.25 -8.67 1.40
CA SER B 46 21.13 -7.34 1.95
C SER B 46 22.12 -7.17 3.10
N SER B 47 21.82 -7.79 4.25
CA SER B 47 22.68 -7.68 5.43
C SER B 47 23.67 -8.85 5.52
N PRO B 48 24.98 -8.57 5.42
CA PRO B 48 25.96 -9.65 5.44
C PRO B 48 26.14 -10.35 6.80
N GLU B 49 25.67 -9.74 7.89
CA GLU B 49 25.70 -10.33 9.23
C GLU B 49 24.57 -11.35 9.40
N ILE B 50 23.38 -11.00 8.95
CA ILE B 50 22.19 -11.86 8.94
C ILE B 50 22.22 -12.81 7.72
N ARG B 51 22.83 -12.35 6.64
CA ARG B 51 22.79 -13.09 5.29
CA ARG B 51 22.78 -13.01 5.33
C ARG B 51 21.33 -13.11 4.82
N SER B 52 20.61 -12.01 5.02
CA SER B 52 19.22 -11.91 4.63
C SER B 52 19.09 -11.61 3.15
N THR B 53 18.06 -12.16 2.54
CA THR B 53 17.73 -11.82 1.16
C THR B 53 17.13 -10.41 1.10
N HIS B 54 17.61 -9.59 0.18
CA HIS B 54 17.12 -8.22 0.03
C HIS B 54 15.60 -8.17 -0.16
N GLY B 55 14.96 -7.15 0.40
CA GLY B 55 13.51 -7.01 0.36
C GLY B 55 13.03 -6.73 -1.06
N GLY B 56 13.90 -6.12 -1.86
CA GLY B 56 13.65 -5.87 -3.29
C GLY B 56 13.43 -7.16 -4.07
N ILE B 57 14.12 -8.24 -3.65
CA ILE B 57 13.93 -9.57 -4.22
C ILE B 57 12.56 -10.13 -3.88
N LEU B 58 12.18 -10.01 -2.61
CA LEU B 58 10.85 -10.43 -2.15
C LEU B 58 9.74 -9.65 -2.84
N ALA B 59 9.94 -8.34 -3.03
CA ALA B 59 8.99 -7.51 -3.80
C ALA B 59 8.92 -7.93 -5.29
N THR B 60 10.07 -8.31 -5.86
CA THR B 60 10.11 -8.81 -7.25
C THR B 60 9.24 -10.08 -7.37
N LEU B 61 9.23 -10.87 -6.31
CA LEU B 61 8.46 -12.11 -6.23
C LEU B 61 6.97 -11.89 -6.07
N VAL B 62 6.59 -10.90 -5.26
CA VAL B 62 5.18 -10.51 -5.14
C VAL B 62 4.63 -10.08 -6.50
N ASP B 63 5.42 -9.23 -7.16
CA ASP B 63 5.05 -8.68 -8.45
C ASP B 63 4.98 -9.75 -9.54
N ALA B 64 6.03 -10.56 -9.67
CA ALA B 64 6.05 -11.69 -10.61
C ALA B 64 4.87 -12.66 -10.41
N ALA B 65 4.66 -13.12 -9.18
CA ALA B 65 3.55 -14.07 -8.90
C ALA B 65 2.23 -13.53 -9.38
N GLY B 66 1.98 -12.25 -9.08
CA GLY B 66 0.71 -11.61 -9.40
C GLY B 66 0.52 -11.45 -10.89
N ASP B 67 1.57 -10.96 -11.56
CA ASP B 67 1.60 -10.75 -13.00
C ASP B 67 1.30 -12.05 -13.77
N TYR B 68 1.98 -13.12 -13.39
CA TYR B 68 1.78 -14.40 -14.08
C TYR B 68 0.47 -15.11 -13.70
N ALA B 69 -0.06 -14.85 -12.51
CA ALA B 69 -1.41 -15.30 -12.16
C ALA B 69 -2.46 -14.63 -13.06
N VAL B 70 -2.30 -13.31 -13.30
CA VAL B 70 -3.12 -12.59 -14.27
C VAL B 70 -2.89 -13.11 -15.69
N ALA B 71 -1.62 -13.29 -16.07
CA ALA B 71 -1.26 -13.72 -17.41
C ALA B 71 -1.86 -15.07 -17.82
N LEU B 72 -2.02 -16.00 -16.86
CA LEU B 72 -2.73 -17.26 -17.13
C LEU B 72 -4.17 -17.02 -17.60
N LYS B 73 -4.74 -15.87 -17.23
CA LYS B 73 -6.12 -15.53 -17.61
C LYS B 73 -6.22 -14.67 -18.87
N THR B 74 -5.26 -13.76 -19.07
CA THR B 74 -5.26 -12.87 -20.24
C THR B 74 -4.59 -13.51 -21.45
N GLY B 75 -3.60 -14.37 -21.19
CA GLY B 75 -2.82 -15.00 -22.25
C GLY B 75 -1.54 -14.23 -22.53
N HIS B 76 -1.35 -13.13 -21.81
CA HIS B 76 -0.15 -12.30 -21.95
C HIS B 76 0.27 -11.67 -20.60
N PRO B 77 1.59 -11.52 -20.37
CA PRO B 77 2.08 -10.73 -19.25
C PRO B 77 1.49 -9.31 -19.23
N VAL B 78 1.35 -8.76 -18.03
CA VAL B 78 0.66 -7.50 -17.79
C VAL B 78 1.54 -6.52 -16.99
N PRO B 79 1.46 -5.21 -17.32
CA PRO B 79 2.22 -4.20 -16.57
C PRO B 79 1.59 -3.96 -15.19
N THR B 80 2.44 -3.59 -14.23
CA THR B 80 2.01 -3.29 -12.86
C THR B 80 1.71 -1.80 -12.71
N MSE B 81 0.56 -1.49 -12.13
CA MSE B 81 0.18 -0.12 -11.74
C MSE B 81 0.84 0.27 -10.41
O MSE B 81 1.46 1.33 -10.30
CB MSE B 81 -1.33 -0.03 -11.51
CG MSE B 81 -2.20 -0.46 -12.67
SE MSE B 81 -2.13 0.79 -14.14
CE MSE B 81 -2.49 2.49 -13.21
N ASP B 82 0.65 -0.56 -9.39
CA ASP B 82 1.24 -0.38 -8.08
C ASP B 82 1.26 -1.68 -7.28
N MSE B 83 2.03 -1.68 -6.22
CA MSE B 83 2.25 -2.87 -5.46
C MSE B 83 2.44 -2.51 -4.00
O MSE B 83 3.02 -1.47 -3.70
CB MSE B 83 3.50 -3.61 -5.98
CG MSE B 83 4.16 -4.50 -4.94
SE MSE B 83 5.33 -5.78 -5.75
CE MSE B 83 6.78 -4.53 -6.15
N HIS B 84 1.95 -3.38 -3.12
CA HIS B 84 2.29 -3.30 -1.71
C HIS B 84 2.90 -4.61 -1.26
N VAL B 85 3.95 -4.55 -0.45
CA VAL B 85 4.53 -5.76 0.13
C VAL B 85 4.66 -5.62 1.63
N ASP B 86 4.25 -6.64 2.36
CA ASP B 86 4.49 -6.74 3.78
C ASP B 86 5.63 -7.73 4.05
N TYR B 87 6.58 -7.32 4.89
CA TYR B 87 7.67 -8.20 5.30
C TYR B 87 7.40 -8.75 6.69
N HIS B 88 7.33 -10.07 6.78
CA HIS B 88 7.01 -10.75 8.03
C HIS B 88 8.21 -11.38 8.72
N ARG B 89 9.10 -11.98 7.94
CA ARG B 89 10.22 -12.73 8.48
C ARG B 89 11.44 -12.51 7.60
N VAL B 90 12.61 -12.57 8.21
CA VAL B 90 13.86 -12.57 7.48
C VAL B 90 13.91 -13.80 6.57
N ALA B 91 14.30 -13.58 5.32
CA ALA B 91 14.53 -14.66 4.38
C ALA B 91 16.02 -14.93 4.42
N THR B 92 16.41 -15.96 5.16
CA THR B 92 17.79 -16.38 5.21
C THR B 92 18.16 -17.10 3.91
N PRO B 93 19.48 -17.34 3.68
CA PRO B 93 19.92 -17.97 2.44
C PRO B 93 19.16 -19.27 2.16
N GLY B 94 18.69 -19.40 0.92
CA GLY B 94 17.78 -20.47 0.54
C GLY B 94 16.90 -20.05 -0.62
N ASP B 95 16.36 -21.06 -1.30
CA ASP B 95 15.43 -20.86 -2.40
C ASP B 95 14.10 -20.36 -1.84
N LEU B 96 13.37 -19.61 -2.66
CA LEU B 96 12.07 -19.07 -2.28
C LEU B 96 11.00 -19.49 -3.27
N ARG B 97 9.78 -19.69 -2.75
CA ARG B 97 8.57 -19.98 -3.53
C ARG B 97 7.61 -18.78 -3.45
N ALA B 98 6.98 -18.40 -4.56
CA ALA B 98 5.92 -17.39 -4.53
C ALA B 98 4.61 -17.92 -5.11
N GLU B 99 3.55 -17.87 -4.30
CA GLU B 99 2.21 -18.24 -4.73
C GLU B 99 1.47 -16.98 -5.14
N GLY B 100 0.89 -17.00 -6.34
CA GLY B 100 0.11 -15.87 -6.83
C GLY B 100 -1.28 -16.29 -7.27
N GLN B 101 -2.26 -15.42 -6.99
CA GLN B 101 -3.62 -15.63 -7.44
C GLN B 101 -4.43 -14.36 -7.63
N VAL B 102 -5.30 -14.38 -8.64
CA VAL B 102 -6.14 -13.24 -8.98
C VAL B 102 -7.33 -13.11 -8.03
N ILE B 103 -7.55 -11.89 -7.56
CA ILE B 103 -8.57 -11.56 -6.55
C ILE B 103 -9.78 -10.98 -7.25
N HIS B 104 -9.50 -9.99 -8.11
CA HIS B 104 -10.50 -9.38 -8.96
C HIS B 104 -9.97 -9.31 -10.38
N PHE B 105 -10.83 -9.62 -11.34
CA PHE B 105 -10.47 -9.64 -12.74
C PHE B 105 -11.55 -8.87 -13.50
N GLY B 106 -11.21 -7.69 -13.98
CA GLY B 106 -12.18 -6.80 -14.62
C GLY B 106 -11.93 -6.62 -16.10
N LYS B 107 -12.71 -5.75 -16.73
CA LYS B 107 -12.57 -5.46 -18.16
C LYS B 107 -11.15 -4.97 -18.44
N ARG B 108 -10.68 -4.06 -17.59
CA ARG B 108 -9.44 -3.32 -17.84
C ARG B 108 -8.37 -3.47 -16.76
N PHE B 109 -8.80 -3.76 -15.53
CA PHE B 109 -7.89 -3.94 -14.41
C PHE B 109 -8.02 -5.32 -13.75
N ALA B 110 -6.91 -5.80 -13.20
CA ALA B 110 -6.93 -6.99 -12.36
C ALA B 110 -6.11 -6.77 -11.11
N THR B 111 -6.59 -7.36 -10.01
CA THR B 111 -5.88 -7.32 -8.73
C THR B 111 -5.42 -8.74 -8.38
N ALA B 112 -4.20 -8.84 -7.86
CA ALA B 112 -3.67 -10.13 -7.47
C ALA B 112 -3.01 -10.08 -6.10
N HIS B 113 -3.01 -11.21 -5.39
CA HIS B 113 -2.32 -11.36 -4.10
C HIS B 113 -1.19 -12.39 -4.18
N ALA B 114 -0.11 -12.16 -3.44
CA ALA B 114 0.98 -13.13 -3.40
C ALA B 114 1.46 -13.49 -1.98
N ARG B 115 2.09 -14.66 -1.88
CA ARG B 115 2.74 -15.12 -0.66
C ARG B 115 4.14 -15.63 -1.01
N VAL B 116 5.14 -15.16 -0.26
CA VAL B 116 6.49 -15.64 -0.46
C VAL B 116 6.85 -16.59 0.68
N LEU B 117 7.32 -17.78 0.33
CA LEU B 117 7.62 -18.84 1.31
C LEU B 117 9.09 -19.27 1.21
N ASP B 118 9.67 -19.63 2.34
CA ASP B 118 10.99 -20.22 2.37
C ASP B 118 10.88 -21.73 2.15
N MSE B 119 12.01 -22.43 2.15
CA MSE B 119 11.99 -23.84 1.82
C MSE B 119 11.32 -24.72 2.88
O MSE B 119 11.02 -25.88 2.63
CB MSE B 119 13.38 -24.35 1.46
CG MSE B 119 13.80 -24.01 0.00
SE MSE B 119 12.46 -24.33 -1.42
CE MSE B 119 11.44 -22.66 -1.35
N ASP B 120 11.08 -24.15 4.05
CA ASP B 120 10.36 -24.87 5.10
C ASP B 120 8.88 -24.55 5.11
N GLY B 121 8.45 -23.61 4.27
CA GLY B 121 7.04 -23.22 4.20
C GLY B 121 6.63 -22.12 5.17
N ASN B 122 7.61 -21.39 5.72
CA ASN B 122 7.30 -20.23 6.54
C ASN B 122 7.06 -19.06 5.61
N LEU B 123 6.01 -18.31 5.91
CA LEU B 123 5.63 -17.13 5.17
C LEU B 123 6.63 -16.01 5.45
N VAL B 124 7.36 -15.62 4.42
CA VAL B 124 8.41 -14.63 4.55
C VAL B 124 7.89 -13.23 4.23
N ALA B 125 6.95 -13.16 3.30
CA ALA B 125 6.35 -11.91 2.86
C ALA B 125 5.04 -12.18 2.15
N SER B 126 4.29 -11.12 1.89
CA SER B 126 3.02 -11.21 1.20
C SER B 126 2.74 -9.84 0.60
N GLY B 127 1.74 -9.77 -0.26
CA GLY B 127 1.41 -8.49 -0.81
C GLY B 127 0.42 -8.59 -1.93
N ARG B 128 0.08 -7.43 -2.47
CA ARG B 128 -0.89 -7.34 -3.54
C ARG B 128 -0.44 -6.33 -4.55
N ALA B 129 -1.06 -6.39 -5.72
CA ALA B 129 -0.65 -5.55 -6.81
C ALA B 129 -1.82 -5.39 -7.73
N LEU B 130 -1.90 -4.21 -8.34
CA LEU B 130 -2.85 -3.88 -9.39
C LEU B 130 -2.15 -3.92 -10.76
N TYR B 131 -2.79 -4.58 -11.72
CA TYR B 131 -2.29 -4.69 -13.09
C TYR B 131 -3.28 -4.12 -14.11
N LEU B 132 -2.73 -3.66 -15.23
CA LEU B 132 -3.50 -3.14 -16.35
C LEU B 132 -3.63 -4.21 -17.43
N ILE B 133 -4.85 -4.58 -17.75
CA ILE B 133 -5.12 -5.50 -18.86
C ILE B 133 -5.10 -4.70 -20.16
N ARG B 134 -3.97 -4.82 -20.85
CA ARG B 134 -3.54 -3.99 -21.96
C ARG B 134 -2.01 -3.99 -21.83
N ALA B 135 -1.37 -2.81 -21.93
CA ALA B 135 0.08 -2.65 -21.80
C ALA B 135 0.49 -1.18 -21.75
N SER C 2 -16.83 -19.28 17.53
CA SER C 2 -17.72 -19.68 18.66
C SER C 2 -18.60 -18.53 19.18
N SER C 3 -19.47 -18.85 20.14
CA SER C 3 -20.30 -17.86 20.81
C SER C 3 -19.47 -16.94 21.72
N THR C 4 -18.39 -17.47 22.29
CA THR C 4 -17.44 -16.70 23.09
C THR C 4 -16.68 -15.69 22.22
N ALA C 5 -16.26 -16.14 21.04
CA ALA C 5 -15.61 -15.27 20.06
C ALA C 5 -16.58 -14.21 19.59
N LEU C 6 -17.78 -14.62 19.20
CA LEU C 6 -18.83 -13.70 18.75
C LEU C 6 -19.22 -12.70 19.84
N GLU C 7 -19.24 -13.19 21.08
CA GLU C 7 -19.53 -12.39 22.25
C GLU C 7 -18.50 -11.27 22.41
N MSE C 8 -17.24 -11.68 22.51
CA MSE C 8 -16.11 -10.78 22.71
C MSE C 8 -16.05 -9.68 21.64
O MSE C 8 -15.86 -8.50 21.94
CB MSE C 8 -14.82 -11.60 22.71
CG MSE C 8 -13.62 -10.92 23.33
SE MSE C 8 -11.98 -11.94 23.00
CE MSE C 8 -12.55 -13.63 23.82
N ALA C 9 -16.22 -10.09 20.38
CA ALA C 9 -16.16 -9.19 19.23
C ALA C 9 -17.26 -8.15 19.20
N SER C 10 -18.49 -8.54 19.56
CA SER C 10 -19.62 -7.62 19.65
C SER C 10 -19.35 -6.50 20.65
N ARG C 11 -18.90 -6.90 21.84
CA ARG C 11 -18.48 -5.99 22.90
C ARG C 11 -17.45 -4.96 22.41
N PHE C 12 -16.41 -5.42 21.70
CA PHE C 12 -15.41 -4.54 21.12
C PHE C 12 -16.03 -3.55 20.12
N VAL C 13 -16.87 -4.09 19.25
CA VAL C 13 -17.51 -3.33 18.17
C VAL C 13 -18.36 -2.18 18.72
N ASN C 14 -19.08 -2.46 19.81
CA ASN C 14 -20.00 -1.48 20.39
C ASN C 14 -19.37 -0.43 21.33
N ARG C 15 -18.07 -0.54 21.57
CA ARG C 15 -17.33 0.50 22.31
C ARG C 15 -17.29 1.79 21.49
N SER C 16 -17.08 1.64 20.17
CA SER C 16 -16.87 2.76 19.26
C SER C 16 -18.17 3.44 18.79
N PRO C 17 -18.30 4.77 19.04
CA PRO C 17 -19.41 5.58 18.54
C PRO C 17 -19.56 5.57 17.00
N PHE C 18 -18.45 5.50 16.27
CA PHE C 18 -18.49 5.48 14.80
C PHE C 18 -19.02 4.14 14.31
N ASN C 19 -18.50 3.04 14.88
CA ASN C 19 -19.08 1.71 14.69
C ASN C 19 -20.59 1.71 14.87
N ARG C 20 -21.08 2.28 15.96
CA ARG C 20 -22.52 2.32 16.29
C ARG C 20 -23.31 3.20 15.31
N TRP C 21 -22.75 4.35 14.94
CA TRP C 21 -23.34 5.19 13.89
C TRP C 21 -23.44 4.40 12.57
N LEU C 22 -22.45 3.54 12.32
CA LEU C 22 -22.50 2.61 11.17
C LEU C 22 -23.45 1.39 11.34
N GLY C 23 -24.15 1.29 12.47
CA GLY C 23 -24.97 0.10 12.74
C GLY C 23 -24.17 -1.19 12.59
N MSE C 24 -22.90 -1.15 12.98
CA MSE C 24 -22.00 -2.28 12.77
C MSE C 24 -22.35 -3.44 13.69
O MSE C 24 -22.61 -3.23 14.87
CB MSE C 24 -20.53 -1.86 12.98
CG MSE C 24 -19.52 -2.99 12.67
SE MSE C 24 -17.67 -2.40 12.90
CE MSE C 24 -17.55 -1.01 11.51
N SER C 25 -22.37 -4.64 13.14
CA SER C 25 -22.64 -5.83 13.94
C SER C 25 -21.64 -6.93 13.58
N VAL C 26 -21.55 -7.94 14.45
CA VAL C 26 -20.72 -9.11 14.14
C VAL C 26 -21.62 -10.26 13.68
N LEU C 27 -21.36 -10.75 12.46
CA LEU C 27 -22.16 -11.82 11.84
C LEU C 27 -21.60 -13.20 12.17
N GLU C 28 -20.28 -13.30 12.20
CA GLU C 28 -19.60 -14.54 12.51
C GLU C 28 -18.30 -14.19 13.21
N ALA C 29 -17.86 -15.10 14.10
CA ALA C 29 -16.54 -15.05 14.68
C ALA C 29 -16.06 -16.47 15.04
N GLY C 30 -14.82 -16.78 14.68
CA GLY C 30 -14.25 -18.09 14.98
C GLY C 30 -12.81 -18.19 14.55
N GLU C 31 -12.34 -19.43 14.41
CA GLU C 31 -10.97 -19.70 13.98
C GLU C 31 -10.72 -19.20 12.56
N GLN C 32 -11.82 -19.06 11.80
CA GLN C 32 -11.81 -18.57 10.41
C GLN C 32 -11.72 -17.04 10.30
N GLY C 33 -11.63 -16.36 11.44
CA GLY C 33 -11.62 -14.90 11.44
C GLY C 33 -12.96 -14.32 11.82
N ILE C 34 -13.25 -13.14 11.28
CA ILE C 34 -14.47 -12.42 11.62
C ILE C 34 -15.28 -12.06 10.37
N VAL C 35 -16.58 -11.89 10.56
CA VAL C 35 -17.45 -11.30 9.55
C VAL C 35 -18.29 -10.20 10.21
N LEU C 36 -18.20 -9.00 9.64
CA LEU C 36 -18.91 -7.83 10.13
C LEU C 36 -19.98 -7.38 9.14
N GLY C 37 -20.97 -6.64 9.65
CA GLY C 37 -22.00 -6.04 8.82
C GLY C 37 -22.16 -4.61 9.26
N ILE C 38 -22.63 -3.75 8.37
CA ILE C 38 -23.01 -2.39 8.73
C ILE C 38 -24.28 -2.06 8.00
N LYS C 39 -25.04 -1.13 8.57
CA LYS C 39 -26.30 -0.73 7.99
C LYS C 39 -26.17 0.57 7.22
N TRP C 40 -26.63 0.53 5.97
CA TRP C 40 -26.62 1.68 5.08
C TRP C 40 -27.49 2.83 5.58
N ARG C 41 -27.00 4.04 5.33
CA ARG C 41 -27.74 5.28 5.59
C ARG C 41 -27.34 6.31 4.53
N GLU C 42 -28.18 7.33 4.32
CA GLU C 42 -27.93 8.33 3.27
C GLU C 42 -26.61 9.08 3.41
N GLU C 43 -26.15 9.29 4.65
CA GLU C 43 -24.93 10.04 4.91
C GLU C 43 -23.66 9.36 4.37
N LEU C 44 -23.76 8.08 4.04
CA LEU C 44 -22.63 7.32 3.51
C LEU C 44 -22.26 7.67 2.07
N ILE C 45 -23.21 8.31 1.37
CA ILE C 45 -23.12 8.55 -0.06
C ILE C 45 -22.00 9.52 -0.43
N SER C 46 -21.25 9.12 -1.46
CA SER C 46 -20.19 9.93 -2.07
C SER C 46 -20.73 10.69 -3.30
N SER C 47 -20.86 9.99 -4.43
CA SER C 47 -21.45 10.60 -5.63
C SER C 47 -22.97 10.51 -5.59
N PRO C 48 -23.64 11.66 -5.48
CA PRO C 48 -25.09 11.67 -5.40
C PRO C 48 -25.79 11.06 -6.61
N GLU C 49 -25.13 11.02 -7.78
CA GLU C 49 -25.79 10.54 -8.99
C GLU C 49 -25.72 9.03 -9.23
N ILE C 50 -24.63 8.39 -8.81
CA ILE C 50 -24.58 6.93 -8.81
C ILE C 50 -24.90 6.33 -7.43
N ARG C 51 -25.07 7.21 -6.43
CA ARG C 51 -25.41 6.86 -4.98
CA ARG C 51 -25.44 6.83 -5.05
C ARG C 51 -24.45 5.82 -4.43
N SER C 52 -23.18 6.02 -4.76
CA SER C 52 -22.13 5.14 -4.32
C SER C 52 -21.74 5.46 -2.90
N THR C 53 -21.41 4.41 -2.16
CA THR C 53 -20.99 4.53 -0.77
C THR C 53 -19.56 5.02 -0.80
N HIS C 54 -19.26 6.01 0.05
CA HIS C 54 -17.95 6.62 0.09
C HIS C 54 -16.82 5.60 0.25
N GLY C 55 -15.73 5.80 -0.49
CA GLY C 55 -14.52 4.97 -0.37
C GLY C 55 -13.94 4.90 1.04
N GLY C 56 -14.10 5.98 1.82
CA GLY C 56 -13.65 5.99 3.21
C GLY C 56 -14.43 5.04 4.10
N ILE C 57 -15.68 4.74 3.72
CA ILE C 57 -16.51 3.80 4.44
C ILE C 57 -16.00 2.36 4.20
N LEU C 58 -15.63 2.08 2.96
CA LEU C 58 -15.04 0.79 2.62
C LEU C 58 -13.71 0.57 3.35
N ALA C 59 -12.93 1.64 3.48
CA ALA C 59 -11.64 1.62 4.17
C ALA C 59 -11.83 1.35 5.65
N THR C 60 -12.81 2.03 6.23
CA THR C 60 -13.26 1.75 7.59
C THR C 60 -13.51 0.26 7.77
N LEU C 61 -14.17 -0.37 6.79
CA LEU C 61 -14.56 -1.78 6.89
C LEU C 61 -13.36 -2.70 6.77
N VAL C 62 -12.45 -2.34 5.86
CA VAL C 62 -11.19 -3.06 5.73
C VAL C 62 -10.41 -2.96 7.03
N ASP C 63 -10.35 -1.76 7.60
CA ASP C 63 -9.68 -1.52 8.88
C ASP C 63 -10.34 -2.27 10.06
N ALA C 64 -11.65 -2.15 10.17
CA ALA C 64 -12.39 -2.83 11.23
C ALA C 64 -12.30 -4.35 11.14
N ALA C 65 -12.46 -4.92 9.94
CA ALA C 65 -12.43 -6.38 9.82
C ALA C 65 -11.08 -6.96 10.25
N GLY C 66 -10.00 -6.27 9.89
CA GLY C 66 -8.66 -6.70 10.22
C GLY C 66 -8.33 -6.50 11.68
N ASP C 67 -8.78 -5.38 12.23
CA ASP C 67 -8.70 -5.09 13.65
C ASP C 67 -9.34 -6.21 14.47
N TYR C 68 -10.63 -6.40 14.30
CA TYR C 68 -11.38 -7.32 15.15
C TYR C 68 -11.02 -8.78 14.95
N ALA C 69 -10.49 -9.10 13.76
CA ALA C 69 -9.97 -10.42 13.50
C ALA C 69 -8.70 -10.67 14.32
N VAL C 70 -7.85 -9.64 14.44
CA VAL C 70 -6.65 -9.72 15.26
C VAL C 70 -7.05 -9.79 16.73
N ALA C 71 -8.01 -8.96 17.11
CA ALA C 71 -8.59 -8.91 18.46
C ALA C 71 -9.11 -10.26 18.97
N LEU C 72 -9.60 -11.11 18.05
CA LEU C 72 -10.03 -12.46 18.39
C LEU C 72 -8.86 -13.27 18.90
N LYS C 73 -7.69 -13.01 18.33
CA LYS C 73 -6.48 -13.71 18.71
C LYS C 73 -5.82 -13.07 19.92
N THR C 74 -5.95 -11.75 20.07
CA THR C 74 -5.29 -11.04 21.18
C THR C 74 -6.17 -10.92 22.43
N GLY C 75 -7.46 -10.70 22.24
CA GLY C 75 -8.38 -10.51 23.36
C GLY C 75 -8.69 -9.04 23.60
N HIS C 76 -8.07 -8.17 22.81
CA HIS C 76 -8.33 -6.73 22.87
C HIS C 76 -8.19 -6.11 21.48
N PRO C 77 -8.91 -5.00 21.21
CA PRO C 77 -8.69 -4.23 20.00
C PRO C 77 -7.23 -3.74 19.86
N VAL C 78 -6.82 -3.50 18.63
CA VAL C 78 -5.42 -3.16 18.33
C VAL C 78 -5.36 -1.95 17.41
N PRO C 79 -4.37 -1.05 17.63
CA PRO C 79 -4.13 0.12 16.77
C PRO C 79 -3.63 -0.26 15.37
N THR C 80 -4.05 0.51 14.38
CA THR C 80 -3.64 0.31 13.02
C THR C 80 -2.39 1.13 12.73
N MSE C 81 -1.39 0.47 12.18
CA MSE C 81 -0.14 1.09 11.81
C MSE C 81 -0.30 1.76 10.46
O MSE C 81 0.04 2.93 10.30
CB MSE C 81 0.98 0.04 11.76
CG MSE C 81 1.34 -0.57 13.11
SE MSE C 81 2.23 0.77 14.19
CE MSE C 81 0.73 1.41 15.26
N ASP C 82 -0.82 0.99 9.52
CA ASP C 82 -1.12 1.42 8.16
C ASP C 82 -2.12 0.48 7.48
N MSE C 83 -2.72 0.95 6.40
CA MSE C 83 -3.71 0.18 5.69
C MSE C 83 -3.68 0.46 4.19
O MSE C 83 -3.38 1.55 3.74
CB MSE C 83 -5.08 0.52 6.26
CG MSE C 83 -6.21 -0.06 5.47
SE MSE C 83 -7.90 0.73 5.95
CE MSE C 83 -7.47 2.62 5.94
N HIS C 84 -3.99 -0.58 3.41
CA HIS C 84 -4.20 -0.43 1.99
C HIS C 84 -5.59 -0.90 1.58
N VAL C 85 -6.21 -0.21 0.63
CA VAL C 85 -7.50 -0.64 0.09
C VAL C 85 -7.62 -0.51 -1.43
N ASP C 86 -8.05 -1.61 -2.05
CA ASP C 86 -8.39 -1.66 -3.47
C ASP C 86 -9.90 -1.61 -3.62
N TYR C 87 -10.35 -0.72 -4.50
CA TYR C 87 -11.75 -0.58 -4.86
C TYR C 87 -12.01 -1.31 -6.18
N HIS C 88 -12.91 -2.28 -6.16
CA HIS C 88 -13.12 -3.13 -7.31
C HIS C 88 -14.40 -2.79 -8.05
N ARG C 89 -15.46 -2.53 -7.28
CA ARG C 89 -16.76 -2.20 -7.83
C ARG C 89 -17.33 -1.07 -7.01
N VAL C 90 -18.20 -0.28 -7.64
CA VAL C 90 -18.98 0.73 -6.94
C VAL C 90 -20.01 0.04 -6.04
N ALA C 91 -20.09 0.49 -4.80
CA ALA C 91 -21.09 0.02 -3.88
C ALA C 91 -22.33 0.94 -3.91
N THR C 92 -23.38 0.45 -4.56
CA THR C 92 -24.66 1.16 -4.57
C THR C 92 -25.35 1.03 -3.22
N PRO C 93 -26.44 1.79 -2.99
CA PRO C 93 -27.05 1.74 -1.65
C PRO C 93 -27.41 0.30 -1.21
N GLY C 94 -27.01 -0.04 0.01
CA GLY C 94 -27.28 -1.37 0.58
C GLY C 94 -26.26 -1.74 1.65
N ASP C 95 -26.67 -2.59 2.59
CA ASP C 95 -25.81 -3.03 3.69
C ASP C 95 -24.55 -3.71 3.13
N LEU C 96 -23.48 -3.71 3.92
CA LEU C 96 -22.21 -4.25 3.49
C LEU C 96 -21.65 -5.25 4.50
N ARG C 97 -20.93 -6.24 3.99
CA ARG C 97 -20.29 -7.27 4.79
C ARG C 97 -18.78 -7.13 4.67
N ALA C 98 -18.06 -7.37 5.77
CA ALA C 98 -16.60 -7.31 5.74
C ALA C 98 -16.03 -8.57 6.38
N GLU C 99 -15.25 -9.33 5.62
CA GLU C 99 -14.62 -10.53 6.15
C GLU C 99 -13.14 -10.28 6.42
N GLY C 100 -12.72 -10.56 7.66
CA GLY C 100 -11.32 -10.34 8.06
C GLY C 100 -10.65 -11.61 8.52
N GLN C 101 -9.40 -11.80 8.12
CA GLN C 101 -8.56 -12.91 8.58
C GLN C 101 -7.13 -12.44 8.87
N VAL C 102 -6.54 -13.02 9.91
CA VAL C 102 -5.14 -12.78 10.24
C VAL C 102 -4.29 -13.61 9.30
N ILE C 103 -3.33 -12.94 8.68
CA ILE C 103 -2.42 -13.55 7.74
C ILE C 103 -1.09 -13.87 8.41
N HIS C 104 -0.62 -12.94 9.23
CA HIS C 104 0.58 -13.16 10.01
C HIS C 104 0.36 -12.65 11.43
N PHE C 105 0.66 -13.50 12.40
CA PHE C 105 0.52 -13.13 13.80
C PHE C 105 1.88 -13.25 14.47
N GLY C 106 2.54 -12.11 14.63
CA GLY C 106 3.84 -12.07 15.28
C GLY C 106 3.72 -11.80 16.77
N LYS C 107 4.86 -11.47 17.39
CA LYS C 107 4.89 -11.21 18.82
C LYS C 107 4.46 -9.78 19.13
N ARG C 108 4.68 -8.86 18.20
CA ARG C 108 4.43 -7.44 18.44
CA ARG C 108 4.46 -7.42 18.41
C ARG C 108 3.54 -6.81 17.36
N PHE C 109 3.44 -7.46 16.21
CA PHE C 109 2.60 -6.98 15.13
C PHE C 109 1.76 -8.10 14.54
N ALA C 110 0.72 -7.72 13.83
CA ALA C 110 -0.06 -8.65 13.01
C ALA C 110 -0.47 -7.97 11.72
N THR C 111 -0.62 -8.75 10.66
CA THR C 111 -1.27 -8.25 9.46
C THR C 111 -2.54 -9.04 9.19
N ALA C 112 -3.61 -8.34 8.84
CA ALA C 112 -4.85 -9.00 8.43
C ALA C 112 -5.27 -8.57 7.02
N HIS C 113 -5.96 -9.46 6.31
CA HIS C 113 -6.54 -9.17 5.00
C HIS C 113 -8.03 -9.12 5.17
N ALA C 114 -8.69 -8.31 4.33
CA ALA C 114 -10.15 -8.17 4.39
C ALA C 114 -10.79 -8.11 3.01
N ARG C 115 -12.03 -8.62 2.93
CA ARG C 115 -12.88 -8.44 1.76
C ARG C 115 -14.19 -7.74 2.15
N VAL C 116 -14.63 -6.77 1.34
CA VAL C 116 -15.92 -6.14 1.53
C VAL C 116 -16.85 -6.61 0.40
N LEU C 117 -18.05 -7.04 0.79
CA LEU C 117 -19.02 -7.62 -0.10
C LEU C 117 -20.28 -6.81 0.00
N ASP C 118 -21.02 -6.73 -1.10
CA ASP C 118 -22.33 -6.12 -1.07
C ASP C 118 -23.39 -7.19 -0.81
N MSE C 119 -24.66 -6.83 -0.99
CA MSE C 119 -25.77 -7.70 -0.61
C MSE C 119 -25.96 -8.95 -1.46
O MSE C 119 -26.54 -9.93 -1.01
CB MSE C 119 -27.06 -6.90 -0.51
CG MSE C 119 -27.18 -6.15 0.82
SE MSE C 119 -27.28 -7.31 2.42
CE MSE C 119 -25.40 -7.28 3.01
N ASP C 120 -25.44 -8.94 -2.68
CA ASP C 120 -25.49 -10.12 -3.54
C ASP C 120 -24.17 -10.89 -3.48
N GLY C 121 -23.32 -10.55 -2.52
CA GLY C 121 -22.03 -11.21 -2.35
C GLY C 121 -20.99 -10.81 -3.39
N ASN C 122 -21.25 -9.72 -4.11
CA ASN C 122 -20.27 -9.14 -5.01
C ASN C 122 -19.16 -8.48 -4.23
N LEU C 123 -17.94 -8.73 -4.65
CA LEU C 123 -16.76 -8.08 -4.08
C LEU C 123 -16.71 -6.63 -4.58
N VAL C 124 -16.70 -5.67 -3.64
CA VAL C 124 -16.62 -4.24 -3.96
C VAL C 124 -15.24 -3.62 -3.61
N ALA C 125 -14.53 -4.25 -2.66
CA ALA C 125 -13.25 -3.77 -2.17
C ALA C 125 -12.50 -4.87 -1.42
N SER C 126 -11.17 -4.76 -1.40
CA SER C 126 -10.35 -5.59 -0.54
C SER C 126 -9.22 -4.77 0.04
N GLY C 127 -8.49 -5.33 0.99
CA GLY C 127 -7.40 -4.58 1.58
C GLY C 127 -6.63 -5.33 2.64
N ARG C 128 -5.54 -4.74 3.06
CA ARG C 128 -4.73 -5.30 4.13
C ARG C 128 -4.28 -4.20 5.09
N ALA C 129 -3.91 -4.60 6.31
CA ALA C 129 -3.44 -3.65 7.30
C ALA C 129 -2.50 -4.30 8.29
N LEU C 130 -1.59 -3.48 8.80
CA LEU C 130 -0.67 -3.84 9.84
C LEU C 130 -1.13 -3.25 11.18
N TYR C 131 -1.16 -4.10 12.20
CA TYR C 131 -1.61 -3.70 13.51
C TYR C 131 -0.52 -3.87 14.54
N LEU C 132 -0.51 -2.97 15.52
CA LEU C 132 0.38 -3.06 16.68
C LEU C 132 -0.29 -3.86 17.78
N ILE C 133 0.32 -4.97 18.21
CA ILE C 133 -0.28 -5.74 19.31
C ILE C 133 -0.35 -4.89 20.60
N ARG C 134 0.79 -4.63 21.26
CA ARG C 134 0.83 -3.75 22.45
C ARG C 134 -0.31 -4.02 23.45
N SER D 3 -9.15 30.72 -5.97
CA SER D 3 -10.39 31.56 -5.98
C SER D 3 -11.45 30.99 -6.94
N THR D 4 -11.12 30.90 -8.22
CA THR D 4 -11.88 30.09 -9.17
C THR D 4 -11.77 28.64 -8.71
N ALA D 5 -10.53 28.20 -8.51
CA ALA D 5 -10.23 26.85 -8.02
C ALA D 5 -10.88 26.55 -6.67
N LEU D 6 -10.89 27.53 -5.77
CA LEU D 6 -11.53 27.36 -4.46
C LEU D 6 -13.04 27.15 -4.60
N GLU D 7 -13.66 27.92 -5.48
CA GLU D 7 -15.08 27.82 -5.75
C GLU D 7 -15.44 26.46 -6.36
N MSE D 8 -14.67 26.05 -7.35
CA MSE D 8 -14.86 24.79 -8.04
C MSE D 8 -14.74 23.57 -7.09
O MSE D 8 -15.54 22.65 -7.15
CB MSE D 8 -13.89 24.65 -9.19
CG MSE D 8 -14.11 23.41 -10.01
SE MSE D 8 -12.78 23.20 -11.39
CE MSE D 8 -11.15 23.04 -10.30
N ALA D 9 -13.75 23.63 -6.20
CA ALA D 9 -13.53 22.60 -5.19
C ALA D 9 -14.66 22.55 -4.17
N SER D 10 -15.11 23.71 -3.70
CA SER D 10 -16.25 23.79 -2.78
C SER D 10 -17.49 23.10 -3.33
N ARG D 11 -17.88 23.45 -4.56
CA ARG D 11 -19.00 22.80 -5.26
C ARG D 11 -18.86 21.27 -5.23
N PHE D 12 -17.70 20.76 -5.61
CA PHE D 12 -17.44 19.32 -5.59
C PHE D 12 -17.64 18.73 -4.19
N VAL D 13 -17.05 19.38 -3.20
CA VAL D 13 -17.11 18.93 -1.81
C VAL D 13 -18.55 18.87 -1.29
N ASN D 14 -19.34 19.90 -1.59
CA ASN D 14 -20.73 20.01 -1.11
C ASN D 14 -21.72 19.05 -1.78
N ARG D 15 -21.30 18.42 -2.87
CA ARG D 15 -22.13 17.42 -3.56
C ARG D 15 -22.34 16.14 -2.74
N SER D 16 -21.30 15.71 -2.05
CA SER D 16 -21.33 14.48 -1.26
C SER D 16 -21.96 14.61 0.15
N PRO D 17 -23.04 13.84 0.43
CA PRO D 17 -23.64 13.81 1.78
C PRO D 17 -22.68 13.38 2.91
N PHE D 18 -21.68 12.54 2.60
CA PHE D 18 -20.71 12.15 3.62
C PHE D 18 -19.81 13.33 3.96
N ASN D 19 -19.25 13.97 2.94
CA ASN D 19 -18.53 15.24 3.12
C ASN D 19 -19.29 16.25 3.99
N ARG D 20 -20.57 16.44 3.70
CA ARG D 20 -21.43 17.40 4.43
C ARG D 20 -21.62 16.98 5.89
N TRP D 21 -21.84 15.69 6.11
CA TRP D 21 -21.95 15.14 7.47
C TRP D 21 -20.63 15.39 8.23
N LEU D 22 -19.51 15.37 7.50
CA LEU D 22 -18.21 15.71 8.08
C LEU D 22 -17.96 17.22 8.18
N GLY D 23 -18.92 18.04 7.77
CA GLY D 23 -18.72 19.50 7.74
C GLY D 23 -17.47 19.89 6.98
N MSE D 24 -17.19 19.18 5.89
CA MSE D 24 -15.97 19.37 5.14
C MSE D 24 -15.99 20.70 4.39
O MSE D 24 -17.02 21.09 3.85
CB MSE D 24 -15.73 18.22 4.16
CG MSE D 24 -14.37 18.27 3.43
SE MSE D 24 -14.14 16.77 2.18
CE MSE D 24 -13.97 15.27 3.45
N SER D 25 -14.85 21.37 4.37
CA SER D 25 -14.71 22.64 3.68
C SER D 25 -13.38 22.73 2.93
N VAL D 26 -13.29 23.68 2.01
CA VAL D 26 -12.03 23.95 1.32
C VAL D 26 -11.38 25.20 1.88
N LEU D 27 -10.15 25.04 2.35
CA LEU D 27 -9.41 26.12 3.01
C LEU D 27 -8.46 26.79 2.03
N GLU D 28 -7.95 26.00 1.09
CA GLU D 28 -7.05 26.49 0.06
C GLU D 28 -7.18 25.65 -1.20
N ALA D 29 -7.06 26.32 -2.35
CA ALA D 29 -6.99 25.64 -3.63
C ALA D 29 -6.16 26.48 -4.59
N GLY D 30 -5.42 25.79 -5.47
CA GLY D 30 -4.56 26.44 -6.41
C GLY D 30 -3.49 25.52 -6.92
N GLU D 31 -2.39 26.11 -7.38
CA GLU D 31 -1.29 25.39 -8.02
C GLU D 31 -0.54 24.41 -7.09
N GLN D 32 -0.58 24.63 -5.79
CA GLN D 32 0.07 23.74 -4.81
C GLN D 32 -0.82 22.57 -4.37
N GLY D 33 -1.95 22.38 -5.04
CA GLY D 33 -2.92 21.37 -4.65
C GLY D 33 -4.05 21.94 -3.82
N ILE D 34 -4.53 21.15 -2.86
CA ILE D 34 -5.71 21.52 -2.09
C ILE D 34 -5.49 21.39 -0.57
N VAL D 35 -6.21 22.21 0.20
CA VAL D 35 -6.29 22.04 1.65
C VAL D 35 -7.76 21.98 2.06
N LEU D 36 -8.08 20.90 2.78
CA LEU D 36 -9.42 20.64 3.22
C LEU D 36 -9.51 20.70 4.75
N GLY D 37 -10.70 20.97 5.26
CA GLY D 37 -10.95 20.84 6.68
C GLY D 37 -12.21 20.04 6.90
N ILE D 38 -12.34 19.42 8.06
CA ILE D 38 -13.60 18.82 8.49
C ILE D 38 -13.84 19.25 9.92
N LYS D 39 -15.10 19.18 10.35
CA LYS D 39 -15.47 19.52 11.71
C LYS D 39 -15.74 18.27 12.54
N TRP D 40 -15.07 18.22 13.69
CA TRP D 40 -15.20 17.11 14.65
C TRP D 40 -16.60 16.98 15.28
N ARG D 41 -17.06 15.72 15.42
CA ARG D 41 -18.29 15.33 16.14
C ARG D 41 -18.01 14.06 16.94
N GLU D 42 -18.83 13.78 17.96
CA GLU D 42 -18.62 12.58 18.79
C GLU D 42 -18.70 11.26 18.02
N GLU D 43 -19.48 11.22 16.94
CA GLU D 43 -19.63 10.02 16.12
C GLU D 43 -18.34 9.59 15.39
N LEU D 44 -17.34 10.46 15.38
CA LEU D 44 -16.06 10.20 14.77
C LEU D 44 -15.16 9.28 15.60
N ILE D 45 -15.50 9.16 16.88
CA ILE D 45 -14.64 8.49 17.86
C ILE D 45 -14.58 6.99 17.63
N SER D 46 -13.37 6.46 17.79
CA SER D 46 -13.08 5.06 17.61
C SER D 46 -12.95 4.44 19.00
N SER D 47 -11.86 4.75 19.69
CA SER D 47 -11.65 4.29 21.06
C SER D 47 -12.19 5.32 22.01
N PRO D 48 -13.18 4.95 22.83
CA PRO D 48 -13.80 5.89 23.75
C PRO D 48 -12.87 6.31 24.90
N GLU D 49 -11.89 5.47 25.22
CA GLU D 49 -10.99 5.75 26.33
C GLU D 49 -9.94 6.81 26.01
N ILE D 50 -9.43 6.78 24.77
CA ILE D 50 -8.47 7.79 24.27
C ILE D 50 -9.20 8.91 23.52
N ARG D 51 -10.45 8.64 23.15
CA ARG D 51 -11.30 9.55 22.38
CA ARG D 51 -11.30 9.58 22.39
C ARG D 51 -10.67 9.90 21.03
N SER D 52 -10.11 8.87 20.41
CA SER D 52 -9.41 8.96 19.14
C SER D 52 -10.36 8.95 17.96
N THR D 53 -10.03 9.75 16.96
CA THR D 53 -10.80 9.82 15.72
C THR D 53 -10.52 8.54 14.95
N HIS D 54 -11.57 7.96 14.39
CA HIS D 54 -11.49 6.69 13.71
C HIS D 54 -10.51 6.71 12.54
N GLY D 55 -9.65 5.70 12.46
CA GLY D 55 -8.72 5.54 11.34
C GLY D 55 -9.39 5.69 9.97
N GLY D 56 -10.62 5.23 9.82
CA GLY D 56 -11.34 5.36 8.56
C GLY D 56 -11.72 6.79 8.19
N ILE D 57 -11.90 7.66 9.20
CA ILE D 57 -12.13 9.07 8.96
C ILE D 57 -10.87 9.69 8.34
N LEU D 58 -9.71 9.23 8.83
CA LEU D 58 -8.43 9.73 8.36
C LEU D 58 -8.15 9.26 6.93
N ALA D 59 -8.56 8.03 6.63
CA ALA D 59 -8.51 7.45 5.29
C ALA D 59 -9.40 8.22 4.35
N THR D 60 -10.58 8.59 4.85
CA THR D 60 -11.48 9.45 4.13
C THR D 60 -10.78 10.74 3.70
N LEU D 61 -10.02 11.32 4.62
CA LEU D 61 -9.37 12.60 4.39
C LEU D 61 -8.23 12.48 3.40
N VAL D 62 -7.50 11.36 3.48
CA VAL D 62 -6.47 11.04 2.49
C VAL D 62 -7.12 10.88 1.11
N ASP D 63 -8.18 10.08 1.01
CA ASP D 63 -8.91 9.89 -0.24
C ASP D 63 -9.49 11.20 -0.81
N ALA D 64 -10.15 11.97 0.04
CA ALA D 64 -10.66 13.29 -0.34
C ALA D 64 -9.59 14.26 -0.80
N ALA D 65 -8.50 14.38 -0.06
CA ALA D 65 -7.46 15.37 -0.42
C ALA D 65 -6.90 15.06 -1.80
N GLY D 66 -6.64 13.79 -2.05
CA GLY D 66 -6.09 13.35 -3.32
C GLY D 66 -7.08 13.48 -4.46
N ASP D 67 -8.33 13.11 -4.21
CA ASP D 67 -9.41 13.23 -5.17
C ASP D 67 -9.55 14.69 -5.65
N TYR D 68 -9.82 15.59 -4.71
CA TYR D 68 -10.11 16.98 -5.08
C TYR D 68 -8.89 17.74 -5.57
N ALA D 69 -7.70 17.25 -5.21
CA ALA D 69 -6.47 17.80 -5.76
C ALA D 69 -6.34 17.43 -7.24
N VAL D 70 -6.70 16.19 -7.59
CA VAL D 70 -6.77 15.79 -9.00
C VAL D 70 -7.88 16.58 -9.72
N ALA D 71 -9.01 16.74 -9.06
CA ALA D 71 -10.14 17.52 -9.58
C ALA D 71 -9.79 18.97 -9.99
N LEU D 72 -8.81 19.57 -9.33
CA LEU D 72 -8.32 20.89 -9.73
C LEU D 72 -7.72 20.86 -11.14
N LYS D 73 -7.15 19.71 -11.51
CA LYS D 73 -6.56 19.55 -12.83
C LYS D 73 -7.57 19.06 -13.88
N THR D 74 -8.45 18.15 -13.50
CA THR D 74 -9.43 17.61 -14.45
C THR D 74 -10.63 18.52 -14.63
N GLY D 75 -11.08 19.15 -13.54
CA GLY D 75 -12.30 19.95 -13.58
C GLY D 75 -13.49 19.14 -13.09
N HIS D 76 -13.24 17.89 -12.72
CA HIS D 76 -14.29 17.02 -12.14
C HIS D 76 -13.68 16.05 -11.14
N PRO D 77 -14.43 15.68 -10.09
CA PRO D 77 -14.06 14.60 -9.18
C PRO D 77 -13.75 13.29 -9.90
N VAL D 78 -12.91 12.46 -9.29
CA VAL D 78 -12.40 11.25 -9.92
C VAL D 78 -12.56 10.03 -9.00
N PRO D 79 -12.88 8.85 -9.58
CA PRO D 79 -12.91 7.61 -8.79
C PRO D 79 -11.54 7.18 -8.25
N THR D 80 -11.52 6.66 -7.03
CA THR D 80 -10.33 6.11 -6.44
C THR D 80 -10.15 4.64 -6.81
N MSE D 81 -8.95 4.31 -7.30
CA MSE D 81 -8.62 2.96 -7.71
C MSE D 81 -8.19 2.16 -6.50
O MSE D 81 -8.64 1.05 -6.30
CB MSE D 81 -7.48 3.00 -8.70
CG MSE D 81 -7.79 3.82 -9.91
SE MSE D 81 -8.36 2.68 -11.33
CE MSE D 81 -10.08 2.04 -10.65
N ASP D 82 -7.27 2.75 -5.74
CA ASP D 82 -6.78 2.21 -4.48
C ASP D 82 -6.16 3.32 -3.64
N MSE D 83 -5.95 3.03 -2.37
CA MSE D 83 -5.40 4.00 -1.45
C MSE D 83 -4.56 3.35 -0.35
O MSE D 83 -4.89 2.26 0.16
CB MSE D 83 -6.52 4.82 -0.84
CG MSE D 83 -6.12 5.64 0.35
SE MSE D 83 -7.64 6.47 1.22
CE MSE D 83 -8.77 4.90 1.53
N HIS D 84 -3.50 4.04 0.02
CA HIS D 84 -2.73 3.65 1.19
C HIS D 84 -2.73 4.76 2.24
N VAL D 85 -2.82 4.36 3.50
CA VAL D 85 -2.75 5.31 4.60
C VAL D 85 -1.82 4.85 5.73
N ASP D 86 -0.90 5.74 6.11
CA ASP D 86 -0.02 5.55 7.25
C ASP D 86 -0.55 6.36 8.43
N TYR D 87 -0.64 5.72 9.59
CA TYR D 87 -1.06 6.37 10.81
C TYR D 87 0.16 6.71 11.65
N HIS D 88 0.27 7.96 12.07
CA HIS D 88 1.48 8.44 12.70
C HIS D 88 1.29 8.79 14.16
N ARG D 89 0.23 9.52 14.46
CA ARG D 89 -0.10 9.90 15.82
C ARG D 89 -1.60 9.72 15.98
N VAL D 90 -2.02 9.41 17.21
CA VAL D 90 -3.44 9.40 17.58
C VAL D 90 -4.02 10.79 17.36
N ALA D 91 -5.21 10.84 16.74
CA ALA D 91 -5.92 12.09 16.57
C ALA D 91 -6.98 12.28 17.65
N THR D 92 -6.63 13.08 18.65
CA THR D 92 -7.54 13.42 19.74
C THR D 92 -8.65 14.34 19.24
N PRO D 93 -9.70 14.58 20.06
CA PRO D 93 -10.85 15.34 19.55
C PRO D 93 -10.50 16.77 19.12
N GLY D 94 -10.90 17.11 17.89
CA GLY D 94 -10.65 18.42 17.30
C GLY D 94 -10.70 18.36 15.78
N ASP D 95 -10.75 19.51 15.15
CA ASP D 95 -10.89 19.59 13.70
C ASP D 95 -9.62 19.12 13.00
N LEU D 96 -9.76 18.72 11.74
CA LEU D 96 -8.63 18.18 10.99
C LEU D 96 -8.47 18.85 9.63
N ARG D 97 -7.22 18.91 9.16
CA ARG D 97 -6.89 19.44 7.85
C ARG D 97 -6.20 18.38 7.01
N ALA D 98 -6.58 18.31 5.73
CA ALA D 98 -5.96 17.38 4.81
C ALA D 98 -5.35 18.18 3.66
N GLU D 99 -4.06 18.02 3.44
CA GLU D 99 -3.40 18.67 2.33
C GLU D 99 -3.18 17.66 1.22
N GLY D 100 -3.57 18.02 -0.01
CA GLY D 100 -3.48 17.10 -1.14
C GLY D 100 -2.73 17.68 -2.32
N GLN D 101 -1.78 16.91 -2.84
CA GLN D 101 -0.95 17.31 -4.00
C GLN D 101 -0.94 16.19 -5.02
N VAL D 102 -1.04 16.55 -6.30
CA VAL D 102 -0.89 15.59 -7.38
C VAL D 102 0.60 15.34 -7.56
N ILE D 103 0.95 14.08 -7.65
CA ILE D 103 2.35 13.73 -7.83
C ILE D 103 2.63 13.27 -9.27
N HIS D 104 1.71 12.51 -9.84
CA HIS D 104 1.79 12.15 -11.25
C HIS D 104 0.43 12.31 -11.90
N PHE D 105 0.43 12.97 -13.05
CA PHE D 105 -0.80 13.24 -13.79
C PHE D 105 -0.58 12.74 -15.21
N GLY D 106 -1.14 11.57 -15.50
CA GLY D 106 -1.07 10.97 -16.82
C GLY D 106 -2.33 11.23 -17.63
N LYS D 107 -2.50 10.46 -18.70
CA LYS D 107 -3.62 10.68 -19.62
C LYS D 107 -4.91 10.04 -19.10
N ARG D 108 -4.75 9.06 -18.22
CA ARG D 108 -5.88 8.23 -17.79
C ARG D 108 -5.84 7.96 -16.29
N PHE D 109 -4.68 8.21 -15.69
CA PHE D 109 -4.47 7.96 -14.27
C PHE D 109 -3.77 9.15 -13.64
N ALA D 110 -4.07 9.36 -12.37
CA ALA D 110 -3.32 10.30 -11.54
C ALA D 110 -2.98 9.68 -10.19
N THR D 111 -1.86 10.13 -9.64
CA THR D 111 -1.48 9.79 -8.28
C THR D 111 -1.40 11.05 -7.43
N ALA D 112 -2.05 11.01 -6.27
CA ALA D 112 -1.92 12.10 -5.33
C ALA D 112 -1.39 11.63 -3.95
N HIS D 113 -0.71 12.54 -3.25
CA HIS D 113 -0.26 12.35 -1.88
C HIS D 113 -1.03 13.29 -0.97
N ALA D 114 -1.22 12.89 0.28
CA ALA D 114 -1.96 13.69 1.24
C ALA D 114 -1.29 13.66 2.60
N ARG D 115 -1.37 14.78 3.31
CA ARG D 115 -1.01 14.85 4.72
C ARG D 115 -2.23 15.28 5.55
N VAL D 116 -2.51 14.55 6.63
CA VAL D 116 -3.59 14.91 7.53
C VAL D 116 -2.98 15.50 8.81
N LEU D 117 -3.48 16.68 9.20
CA LEU D 117 -2.89 17.46 10.29
C LEU D 117 -3.92 17.78 11.33
N ASP D 118 -3.48 17.89 12.59
CA ASP D 118 -4.37 18.29 13.65
C ASP D 118 -4.33 19.79 13.85
N MSE D 119 -4.99 20.27 14.90
CA MSE D 119 -5.12 21.71 15.14
C MSE D 119 -3.81 22.42 15.47
O MSE D 119 -3.64 23.59 15.15
CB MSE D 119 -6.17 21.98 16.20
CG MSE D 119 -7.58 21.85 15.63
SE MSE D 119 -7.96 23.13 14.17
CE MSE D 119 -7.49 22.06 12.58
N ASP D 120 -2.88 21.69 16.08
CA ASP D 120 -1.57 22.25 16.38
C ASP D 120 -0.61 22.10 15.20
N GLY D 121 -1.08 21.46 14.13
CA GLY D 121 -0.26 21.24 12.95
C GLY D 121 0.60 19.98 13.03
N ASN D 122 0.34 19.14 14.04
CA ASN D 122 1.00 17.85 14.12
C ASN D 122 0.47 16.94 13.02
N LEU D 123 1.37 16.25 12.35
CA LEU D 123 1.01 15.26 11.36
C LEU D 123 0.45 14.03 12.10
N VAL D 124 -0.77 13.62 11.77
CA VAL D 124 -1.39 12.46 12.39
C VAL D 124 -1.45 11.26 11.45
N ALA D 125 -1.46 11.55 10.14
CA ALA D 125 -1.56 10.52 9.09
C ALA D 125 -1.07 11.08 7.75
N SER D 126 -0.59 10.18 6.89
CA SER D 126 -0.33 10.51 5.50
C SER D 126 -0.76 9.34 4.61
N GLY D 127 -0.78 9.56 3.30
CA GLY D 127 -1.18 8.53 2.38
C GLY D 127 -1.08 8.91 0.93
N ARG D 128 -1.34 7.95 0.06
CA ARG D 128 -1.38 8.17 -1.38
C ARG D 128 -2.50 7.36 -2.02
N ALA D 129 -2.88 7.75 -3.23
CA ALA D 129 -3.96 7.07 -3.94
C ALA D 129 -3.83 7.22 -5.44
N LEU D 130 -4.36 6.21 -6.12
CA LEU D 130 -4.42 6.19 -7.56
C LEU D 130 -5.87 6.46 -7.98
N TYR D 131 -6.04 7.42 -8.89
CA TYR D 131 -7.34 7.80 -9.38
C TYR D 131 -7.46 7.51 -10.88
N LEU D 132 -8.70 7.30 -11.31
CA LEU D 132 -9.02 7.11 -12.72
C LEU D 132 -9.50 8.40 -13.36
N ILE D 133 -8.81 8.84 -14.41
CA ILE D 133 -9.26 10.00 -15.20
C ILE D 133 -10.31 9.59 -16.23
N ARG D 134 -11.58 9.89 -15.91
CA ARG D 134 -12.71 9.62 -16.79
C ARG D 134 -13.69 10.80 -16.77
#